data_4BZO
#
_entry.id   4BZO
#
_cell.length_a   97.932
_cell.length_b   97.932
_cell.length_c   81.431
_cell.angle_alpha   90.00
_cell.angle_beta   90.00
_cell.angle_gamma   120.00
#
_symmetry.space_group_name_H-M   'P 65'
#
loop_
_entity.id
_entity.type
_entity.pdbx_description
1 polymer 'SERINE/THREONINE-PROTEIN KINASE PIM-1'
2 non-polymer N-[(1S)-2-AMINO-1-PHENYLETHYL]-2-[(4S)-7-(2-FLUORO-4-PYRIDINYL)-1-OXO-1,2,3,4-TETRAHYDROPYRROLO[1,2-A]PYRAZIN-4-YL]ACETAMIDE
3 water water
#
_entity_poly.entity_id   1
_entity_poly.type   'polypeptide(L)'
_entity_poly.pdbx_seq_one_letter_code
;GPLLSKINSLAHLRAAPCNDLHATKLAPGKEKEPLESQYQVGPLLGSGGFGSVYSGIRVSDNLPVAIKHVEKDRISDWGE
LPNGTRVPMEVVLLKKVSSGFSGVIRLLDWFERPDSFVLILERPEPVQDLFDFITERGALQEELARSFFWQVLEAVRHCH
NCGVLHRDIKDENILIDLNRGELKLIDFGSGALLKDTVYTDFDGTRVYSPPEWIRYHRYHGRSAAVWSLGILLYDMVCGD
IPFEHDEEIIRGQVFFRQRVS(SEP)ECQHLIRWCLALRPSDRPTFEEIQNHPWMQDVLLPQETAEIHLHSLSPGPSK
;
_entity_poly.pdbx_strand_id   A
#
loop_
_chem_comp.id
_chem_comp.type
_chem_comp.name
_chem_comp.formula
676 non-polymer N-[(1S)-2-AMINO-1-PHENYLETHYL]-2-[(4S)-7-(2-FLUORO-4-PYRIDINYL)-1-OXO-1,2,3,4-TETRAHYDROPYRROLO[1,2-A]PYRAZIN-4-YL]ACETAMIDE 'C22 H22 F N5 O2'
#
# COMPACT_ATOMS: atom_id res chain seq x y z
N PRO A 34 -24.52 18.03 4.13
CA PRO A 34 -23.31 18.86 4.13
C PRO A 34 -22.17 18.33 3.24
N LEU A 35 -22.33 17.15 2.64
CA LEU A 35 -21.30 16.61 1.74
C LEU A 35 -21.21 17.38 0.41
N GLU A 36 -22.33 17.54 -0.28
CA GLU A 36 -22.35 18.27 -1.55
C GLU A 36 -22.12 19.76 -1.39
N SER A 37 -22.41 20.29 -0.20
CA SER A 37 -22.09 21.67 0.15
C SER A 37 -20.58 21.86 0.19
N GLN A 38 -19.89 20.98 0.91
CA GLN A 38 -18.48 21.18 1.24
C GLN A 38 -17.48 20.90 0.12
N TYR A 39 -17.87 20.08 -0.85
CA TYR A 39 -16.93 19.62 -1.88
C TYR A 39 -17.44 19.79 -3.29
N GLN A 40 -16.54 20.21 -4.18
CA GLN A 40 -16.81 20.25 -5.61
C GLN A 40 -16.28 18.94 -6.21
N VAL A 41 -17.16 18.16 -6.82
CA VAL A 41 -16.77 16.87 -7.39
C VAL A 41 -16.19 17.05 -8.79
N GLY A 42 -15.00 16.47 -9.01
CA GLY A 42 -14.39 16.45 -10.33
C GLY A 42 -14.60 15.10 -11.00
N PRO A 43 -13.69 14.73 -11.93
CA PRO A 43 -13.80 13.46 -12.65
C PRO A 43 -13.54 12.24 -11.78
N LEU A 44 -14.11 11.11 -12.21
CA LEU A 44 -13.77 9.80 -11.70
C LEU A 44 -12.28 9.46 -11.91
N LEU A 45 -11.58 9.10 -10.83
CA LEU A 45 -10.19 8.67 -10.91
C LEU A 45 -10.05 7.17 -11.12
N GLY A 46 -10.92 6.38 -10.52
CA GLY A 46 -10.85 4.92 -10.66
C GLY A 46 -12.01 4.24 -9.99
N SER A 47 -12.24 2.99 -10.36
CA SER A 47 -13.27 2.19 -9.72
C SER A 47 -12.95 0.72 -9.85
N GLY A 48 -13.47 -0.09 -8.95
CA GLY A 48 -13.15 -1.51 -9.00
C GLY A 48 -13.65 -2.13 -7.72
N GLY A 49 -13.01 -3.22 -7.30
CA GLY A 49 -13.42 -3.92 -6.08
C GLY A 49 -13.49 -3.04 -4.85
N PHE A 50 -12.68 -1.98 -4.85
CA PHE A 50 -12.59 -1.02 -3.74
C PHE A 50 -13.70 0.05 -3.69
N GLY A 51 -14.50 0.17 -4.75
CA GLY A 51 -15.53 1.22 -4.85
C GLY A 51 -15.27 2.19 -6.00
N SER A 52 -15.68 3.46 -5.85
CA SER A 52 -15.44 4.48 -6.85
C SER A 52 -14.80 5.70 -6.24
N VAL A 53 -13.73 6.18 -6.84
CA VAL A 53 -12.96 7.29 -6.31
C VAL A 53 -12.93 8.48 -7.27
N TYR A 54 -13.32 9.66 -6.79
CA TYR A 54 -13.40 10.87 -7.62
C TYR A 54 -12.42 11.92 -7.14
N SER A 55 -11.98 12.75 -8.09
CA SER A 55 -11.21 13.93 -7.77
C SER A 55 -12.17 14.93 -7.18
N GLY A 56 -11.68 15.76 -6.26
CA GLY A 56 -12.54 16.75 -5.63
C GLY A 56 -11.74 17.91 -5.14
N ILE A 57 -12.46 18.94 -4.72
CA ILE A 57 -11.87 20.13 -4.17
C ILE A 57 -12.70 20.52 -2.95
N ARG A 58 -12.04 20.77 -1.82
CA ARG A 58 -12.76 21.24 -0.64
C ARG A 58 -13.13 22.71 -0.87
N VAL A 59 -14.43 22.99 -0.92
CA VAL A 59 -14.93 24.32 -1.31
C VAL A 59 -14.41 25.43 -0.38
N SER A 60 -14.43 25.19 0.93
CA SER A 60 -13.99 26.16 1.92
C SER A 60 -12.62 26.78 1.62
N ASP A 61 -11.61 25.96 1.34
CA ASP A 61 -10.25 26.47 1.15
C ASP A 61 -9.53 26.03 -0.12
N ASN A 62 -10.25 25.36 -1.03
CA ASN A 62 -9.67 24.85 -2.28
C ASN A 62 -8.64 23.72 -2.16
N LEU A 63 -8.68 22.97 -1.07
CA LEU A 63 -7.76 21.85 -0.87
C LEU A 63 -8.11 20.71 -1.83
N PRO A 64 -7.12 20.22 -2.59
CA PRO A 64 -7.38 19.04 -3.42
C PRO A 64 -7.69 17.79 -2.57
N VAL A 65 -8.76 17.09 -2.92
CA VAL A 65 -9.18 15.87 -2.21
C VAL A 65 -9.55 14.74 -3.16
N ALA A 66 -9.68 13.54 -2.61
CA ALA A 66 -10.24 12.41 -3.33
C ALA A 66 -11.47 11.95 -2.56
N ILE A 67 -12.52 11.59 -3.29
CA ILE A 67 -13.79 11.24 -2.68
C ILE A 67 -14.11 9.80 -3.03
N LYS A 68 -14.08 8.93 -2.02
CA LYS A 68 -14.24 7.49 -2.22
C LYS A 68 -15.60 7.05 -1.74
N HIS A 69 -16.31 6.32 -2.59
CA HIS A 69 -17.66 5.83 -2.31
C HIS A 69 -17.61 4.34 -2.24
N VAL A 70 -18.18 3.77 -1.19
CA VAL A 70 -18.22 2.33 -1.05
C VAL A 70 -19.64 1.94 -0.64
N GLU A 71 -20.22 0.98 -1.36
CA GLU A 71 -21.57 0.50 -1.09
C GLU A 71 -21.58 -0.37 0.17
N LYS A 72 -22.59 -0.20 1.02
CA LYS A 72 -22.70 -0.97 2.27
C LYS A 72 -22.69 -2.47 2.06
N ASP A 73 -23.45 -2.95 1.06
CA ASP A 73 -23.44 -4.37 0.71
C ASP A 73 -22.04 -4.92 0.40
N ARG A 74 -21.17 -4.06 -0.11
CA ARG A 74 -19.85 -4.50 -0.59
C ARG A 74 -18.78 -4.50 0.50
N ILE A 75 -19.12 -3.99 1.68
CA ILE A 75 -18.16 -3.89 2.78
C ILE A 75 -17.95 -5.22 3.48
N SER A 76 -16.75 -5.80 3.29
CA SER A 76 -16.42 -7.11 3.89
C SER A 76 -16.15 -7.03 5.39
N ASP A 77 -15.53 -5.94 5.83
CA ASP A 77 -15.11 -5.78 7.22
C ASP A 77 -15.66 -4.52 7.89
N TRP A 78 -16.32 -4.71 9.02
CA TRP A 78 -16.87 -3.60 9.78
C TRP A 78 -16.11 -3.37 11.04
N GLY A 79 -16.11 -2.14 11.52
CA GLY A 79 -15.45 -1.81 12.76
C GLY A 79 -16.35 -0.95 13.60
N GLU A 80 -15.82 -0.43 14.70
CA GLU A 80 -16.59 0.44 15.57
C GLU A 80 -15.75 1.56 16.15
N LEU A 81 -16.33 2.76 16.18
CA LEU A 81 -15.60 3.93 16.64
C LEU A 81 -15.51 3.98 18.17
N PRO A 82 -14.54 4.76 18.72
CA PRO A 82 -14.48 5.03 20.16
C PRO A 82 -15.85 5.15 20.82
N ASN A 83 -16.74 5.94 20.24
CA ASN A 83 -18.12 6.08 20.73
C ASN A 83 -19.08 4.97 20.27
N GLY A 84 -18.53 3.95 19.61
CA GLY A 84 -19.29 2.77 19.25
C GLY A 84 -20.28 2.92 18.09
N THR A 85 -19.82 3.48 16.97
CA THR A 85 -20.65 3.55 15.76
C THR A 85 -20.10 2.60 14.70
N ARG A 86 -20.99 1.85 14.05
CA ARG A 86 -20.57 0.82 13.08
C ARG A 86 -20.17 1.45 11.74
N VAL A 87 -18.87 1.39 11.45
CA VAL A 87 -18.32 1.99 10.21
C VAL A 87 -17.48 0.97 9.43
N PRO A 88 -17.13 1.27 8.16
CA PRO A 88 -16.17 0.40 7.46
C PRO A 88 -14.83 0.35 8.21
N MET A 89 -14.18 -0.81 8.19
CA MET A 89 -12.90 -0.99 8.88
C MET A 89 -11.90 0.07 8.41
N GLU A 90 -11.92 0.40 7.12
CA GLU A 90 -11.02 1.45 6.59
C GLU A 90 -11.08 2.74 7.41
N VAL A 91 -12.27 3.13 7.86
CA VAL A 91 -12.42 4.37 8.66
C VAL A 91 -11.69 4.23 10.02
N VAL A 92 -11.89 3.09 10.69
CA VAL A 92 -11.21 2.80 11.97
C VAL A 92 -9.70 2.85 11.79
N LEU A 93 -9.22 2.18 10.74
CA LEU A 93 -7.80 2.02 10.51
C LEU A 93 -7.14 3.34 10.15
N LEU A 94 -7.78 4.12 9.28
CA LEU A 94 -7.22 5.41 8.86
C LEU A 94 -7.18 6.42 10.01
N LYS A 95 -8.13 6.34 10.93
CA LYS A 95 -8.06 7.18 12.14
C LYS A 95 -6.92 6.77 13.05
N LYS A 96 -6.65 5.46 13.14
CA LYS A 96 -5.55 5.00 14.00
C LYS A 96 -4.17 5.46 13.52
N VAL A 97 -4.02 5.72 12.22
CA VAL A 97 -2.73 6.12 11.67
C VAL A 97 -2.49 7.63 11.51
N SER A 98 -3.52 8.47 11.64
CA SER A 98 -3.35 9.90 11.32
C SER A 98 -2.44 10.64 12.30
N SER A 99 -1.63 11.54 11.75
CA SER A 99 -0.61 12.32 12.48
C SER A 99 0.20 13.13 11.44
N GLY A 100 1.30 13.76 11.88
CA GLY A 100 2.14 14.59 11.02
C GLY A 100 2.82 13.87 9.87
N PHE A 101 2.94 12.55 10.01
CA PHE A 101 3.59 11.69 9.03
C PHE A 101 2.81 11.62 7.74
N SER A 102 3.51 11.80 6.62
CA SER A 102 2.87 11.89 5.33
C SER A 102 3.03 10.62 4.49
N GLY A 103 3.42 9.51 5.11
CA GLY A 103 3.60 8.24 4.38
C GLY A 103 2.30 7.47 4.16
N VAL A 104 1.28 7.79 4.92
CA VAL A 104 -0.02 7.15 4.77
C VAL A 104 -1.03 8.22 4.35
N ILE A 105 -1.92 7.87 3.44
CA ILE A 105 -2.91 8.84 2.96
C ILE A 105 -3.75 9.28 4.17
N ARG A 106 -4.07 10.57 4.24
CA ARG A 106 -4.82 11.09 5.39
C ARG A 106 -6.33 11.14 5.16
N LEU A 107 -7.09 10.57 6.09
CA LEU A 107 -8.55 10.67 6.11
C LEU A 107 -8.98 12.04 6.67
N LEU A 108 -9.66 12.86 5.86
CA LEU A 108 -10.08 14.20 6.29
C LEU A 108 -11.46 14.21 6.90
N ASP A 109 -12.33 13.35 6.40
CA ASP A 109 -13.71 13.27 6.88
C ASP A 109 -14.36 12.06 6.25
N TRP A 110 -15.56 11.74 6.70
CA TRP A 110 -16.35 10.63 6.18
C TRP A 110 -17.80 10.90 6.46
N PHE A 111 -18.67 10.36 5.61
CA PHE A 111 -20.13 10.49 5.76
C PHE A 111 -20.81 9.16 5.56
N GLU A 112 -21.94 8.97 6.26
CA GLU A 112 -22.80 7.84 6.00
C GLU A 112 -24.00 8.25 5.11
N ARG A 113 -24.39 7.36 4.21
CA ARG A 113 -25.55 7.58 3.37
C ARG A 113 -26.46 6.37 3.53
N PRO A 114 -27.70 6.44 2.99
CA PRO A 114 -28.57 5.28 3.15
C PRO A 114 -27.90 3.96 2.74
N ASP A 115 -27.26 3.90 1.58
CA ASP A 115 -26.69 2.64 1.09
C ASP A 115 -25.16 2.64 0.90
N SER A 116 -24.50 3.65 1.45
CA SER A 116 -23.06 3.81 1.19
C SER A 116 -22.33 4.67 2.23
N PHE A 117 -21.00 4.48 2.31
CA PHE A 117 -20.13 5.43 2.98
C PHE A 117 -19.28 6.21 1.99
N VAL A 118 -19.05 7.47 2.32
CA VAL A 118 -18.20 8.34 1.53
C VAL A 118 -17.00 8.78 2.40
N LEU A 119 -15.78 8.57 1.89
CA LEU A 119 -14.54 8.93 2.59
C LEU A 119 -13.86 10.07 1.87
N ILE A 120 -13.45 11.11 2.60
CA ILE A 120 -12.69 12.21 2.01
C ILE A 120 -11.21 12.06 2.36
N LEU A 121 -10.37 11.94 1.33
CA LEU A 121 -8.96 11.69 1.51
C LEU A 121 -8.18 12.89 0.98
N GLU A 122 -7.05 13.22 1.60
CA GLU A 122 -6.11 14.22 1.06
C GLU A 122 -5.63 13.73 -0.31
N ARG A 123 -5.48 14.63 -1.28
CA ARG A 123 -5.00 14.26 -2.62
C ARG A 123 -3.73 15.03 -3.00
N PRO A 124 -2.61 14.31 -3.20
CA PRO A 124 -1.42 15.01 -3.70
C PRO A 124 -1.60 15.43 -5.15
N GLU A 125 -0.95 16.52 -5.52
CA GLU A 125 -1.09 17.09 -6.86
C GLU A 125 0.24 17.76 -7.25
N PRO A 126 0.84 17.38 -8.39
CA PRO A 126 0.51 16.30 -9.30
C PRO A 126 0.84 14.93 -8.68
N VAL A 127 0.18 13.88 -9.16
CA VAL A 127 0.31 12.56 -8.58
C VAL A 127 0.19 11.50 -9.68
N GLN A 128 0.81 10.33 -9.44
CA GLN A 128 0.64 9.16 -10.27
C GLN A 128 0.83 7.90 -9.39
N ASP A 129 0.01 6.88 -9.60
CA ASP A 129 0.21 5.64 -8.83
C ASP A 129 1.46 4.90 -9.33
N LEU A 130 2.00 4.02 -8.49
CA LEU A 130 3.23 3.36 -8.81
C LEU A 130 3.05 2.38 -10.00
N PHE A 131 1.87 1.76 -10.07
CA PHE A 131 1.54 0.84 -11.18
C PHE A 131 1.67 1.54 -12.55
N ASP A 132 1.09 2.73 -12.67
CA ASP A 132 1.17 3.50 -13.93
C ASP A 132 2.59 3.98 -14.21
N PHE A 133 3.29 4.40 -13.15
CA PHE A 133 4.66 4.88 -13.27
C PHE A 133 5.58 3.78 -13.83
N ILE A 134 5.40 2.55 -13.32
CA ILE A 134 6.19 1.39 -13.75
C ILE A 134 5.78 0.95 -15.18
N THR A 135 4.48 0.96 -15.46
CA THR A 135 4.00 0.66 -16.80
C THR A 135 4.66 1.57 -17.84
N GLU A 136 4.75 2.86 -17.54
CA GLU A 136 5.33 3.82 -18.50
C GLU A 136 6.84 3.82 -18.59
N ARG A 137 7.50 3.57 -17.47
CA ARG A 137 8.94 3.69 -17.47
C ARG A 137 9.68 2.37 -17.50
N GLY A 138 8.95 1.25 -17.43
CA GLY A 138 9.57 -0.07 -17.30
C GLY A 138 10.22 -0.24 -15.92
N ALA A 139 11.07 -1.26 -15.80
CA ALA A 139 11.83 -1.51 -14.57
C ALA A 139 12.57 -0.26 -14.10
N LEU A 140 12.55 -0.03 -12.79
CA LEU A 140 13.17 1.18 -12.22
C LEU A 140 14.66 0.98 -11.96
N GLN A 141 15.45 2.03 -12.19
CA GLN A 141 16.84 2.04 -11.75
C GLN A 141 16.89 1.73 -10.25
N GLU A 142 17.94 1.02 -9.83
CA GLU A 142 18.03 0.58 -8.44
C GLU A 142 18.05 1.72 -7.43
N GLU A 143 18.69 2.82 -7.80
CA GLU A 143 18.74 3.99 -6.94
C GLU A 143 17.34 4.50 -6.64
N LEU A 144 16.50 4.50 -7.68
CA LEU A 144 15.12 4.94 -7.55
C LEU A 144 14.28 3.94 -6.76
N ALA A 145 14.38 2.65 -7.12
CA ALA A 145 13.70 1.59 -6.36
C ALA A 145 14.04 1.62 -4.85
N ARG A 146 15.31 1.85 -4.53
CA ARG A 146 15.77 1.95 -3.14
C ARG A 146 15.03 3.06 -2.38
N SER A 147 15.00 4.26 -2.95
CA SER A 147 14.27 5.38 -2.36
C SER A 147 12.79 5.06 -2.16
N PHE A 148 12.14 4.55 -3.21
CA PHE A 148 10.71 4.21 -3.15
C PHE A 148 10.44 3.09 -2.12
N PHE A 149 11.21 2.00 -2.21
CA PHE A 149 11.04 0.87 -1.30
C PHE A 149 11.24 1.32 0.16
N TRP A 150 12.28 2.12 0.41
CA TRP A 150 12.58 2.62 1.76
C TRP A 150 11.38 3.37 2.33
N GLN A 151 10.79 4.23 1.52
CA GLN A 151 9.61 4.99 1.94
C GLN A 151 8.40 4.12 2.20
N VAL A 152 8.20 3.08 1.37
CA VAL A 152 7.11 2.16 1.64
C VAL A 152 7.34 1.47 3.00
N LEU A 153 8.58 1.04 3.25
CA LEU A 153 8.93 0.45 4.55
C LEU A 153 8.64 1.36 5.76
N GLU A 154 9.03 2.63 5.67
CA GLU A 154 8.70 3.59 6.73
C GLU A 154 7.20 3.73 6.95
N ALA A 155 6.43 3.73 5.85
CA ALA A 155 4.96 3.84 5.95
C ALA A 155 4.31 2.62 6.59
N VAL A 156 4.77 1.43 6.20
CA VAL A 156 4.24 0.17 6.73
C VAL A 156 4.60 0.03 8.22
N ARG A 157 5.82 0.41 8.60
CA ARG A 157 6.26 0.41 10.00
C ARG A 157 5.38 1.32 10.84
N HIS A 158 5.02 2.49 10.31
CA HIS A 158 4.13 3.41 11.01
C HIS A 158 2.76 2.77 11.20
N CYS A 159 2.22 2.15 10.16
CA CYS A 159 0.96 1.42 10.32
C CYS A 159 1.06 0.41 11.46
N HIS A 160 2.07 -0.45 11.41
CA HIS A 160 2.23 -1.48 12.44
C HIS A 160 2.38 -0.90 13.84
N ASN A 161 3.13 0.19 13.95
CA ASN A 161 3.36 0.87 15.23
C ASN A 161 2.04 1.45 15.78
N CYS A 162 1.10 1.72 14.87
CA CYS A 162 -0.22 2.25 15.25
C CYS A 162 -1.25 1.15 15.43
N GLY A 163 -0.81 -0.11 15.37
CA GLY A 163 -1.72 -1.27 15.53
C GLY A 163 -2.54 -1.60 14.29
N VAL A 164 -2.07 -1.19 13.10
CA VAL A 164 -2.83 -1.39 11.84
C VAL A 164 -2.07 -2.30 10.84
N LEU A 165 -2.74 -3.30 10.30
CA LEU A 165 -2.16 -4.16 9.26
C LEU A 165 -2.86 -3.87 7.92
N HIS A 166 -2.09 -3.51 6.91
CA HIS A 166 -2.66 -3.10 5.61
C HIS A 166 -3.29 -4.22 4.81
N ARG A 167 -2.55 -5.32 4.65
CA ARG A 167 -2.98 -6.56 3.96
C ARG A 167 -3.19 -6.45 2.43
N ASP A 168 -2.80 -5.35 1.82
CA ASP A 168 -2.90 -5.25 0.37
C ASP A 168 -1.80 -4.37 -0.20
N ILE A 169 -0.57 -4.54 0.26
CA ILE A 169 0.55 -3.74 -0.22
C ILE A 169 0.86 -4.18 -1.66
N LYS A 170 0.87 -3.21 -2.58
CA LYS A 170 1.09 -3.46 -4.01
C LYS A 170 1.26 -2.11 -4.73
N ASP A 171 1.77 -2.15 -5.96
CA ASP A 171 2.02 -0.92 -6.72
C ASP A 171 0.75 -0.07 -6.94
N GLU A 172 -0.39 -0.70 -7.14
CA GLU A 172 -1.65 0.04 -7.29
C GLU A 172 -2.09 0.76 -6.02
N ASN A 173 -1.54 0.37 -4.86
CA ASN A 173 -1.90 1.04 -3.62
C ASN A 173 -0.86 2.03 -3.10
N ILE A 174 0.02 2.47 -3.99
CA ILE A 174 1.05 3.46 -3.66
C ILE A 174 0.97 4.65 -4.64
N LEU A 175 0.90 5.85 -4.09
CA LEU A 175 0.84 7.08 -4.89
C LEU A 175 2.16 7.77 -4.77
N ILE A 176 2.60 8.35 -5.87
CA ILE A 176 3.83 9.14 -5.90
C ILE A 176 3.46 10.63 -6.01
N ASP A 177 3.89 11.42 -5.03
CA ASP A 177 3.80 12.89 -5.11
C ASP A 177 4.97 13.33 -6.00
N LEU A 178 4.68 13.58 -7.27
CA LEU A 178 5.71 13.84 -8.28
C LEU A 178 6.60 15.08 -8.05
N ASN A 179 6.09 16.10 -7.35
CA ASN A 179 6.92 17.28 -7.04
C ASN A 179 7.93 17.06 -5.91
N ARG A 180 7.48 16.43 -4.82
CA ARG A 180 8.28 16.25 -3.61
C ARG A 180 9.02 14.90 -3.50
N GLY A 181 8.65 13.96 -4.37
CA GLY A 181 9.28 12.63 -4.38
C GLY A 181 8.85 11.77 -3.19
N GLU A 182 7.66 12.04 -2.64
CA GLU A 182 7.13 11.34 -1.47
C GLU A 182 6.06 10.35 -1.89
N LEU A 183 6.12 9.14 -1.32
CA LEU A 183 5.12 8.09 -1.57
C LEU A 183 4.06 8.05 -0.47
N LYS A 184 2.84 7.65 -0.85
CA LYS A 184 1.76 7.53 0.10
C LYS A 184 1.02 6.21 -0.10
N LEU A 185 0.80 5.49 1.00
CA LEU A 185 0.08 4.24 1.00
C LEU A 185 -1.40 4.55 1.06
N ILE A 186 -2.18 3.88 0.20
CA ILE A 186 -3.62 4.14 0.13
C ILE A 186 -4.37 2.82 0.26
N ASP A 187 -5.67 2.96 0.51
CA ASP A 187 -6.64 1.86 0.49
C ASP A 187 -6.47 0.82 1.60
N PHE A 188 -7.07 1.15 2.74
CA PHE A 188 -7.06 0.25 3.86
C PHE A 188 -8.32 -0.60 3.95
N GLY A 189 -9.03 -0.75 2.83
CA GLY A 189 -10.31 -1.51 2.82
C GLY A 189 -10.20 -3.03 2.91
N SER A 190 -8.97 -3.56 2.84
CA SER A 190 -8.77 -4.99 3.11
C SER A 190 -8.02 -5.19 4.43
N GLY A 191 -7.77 -4.11 5.15
CA GLY A 191 -6.90 -4.16 6.33
C GLY A 191 -7.54 -4.71 7.59
N ALA A 192 -6.79 -4.74 8.68
CA ALA A 192 -7.32 -5.26 9.94
C ALA A 192 -6.51 -4.67 11.08
N LEU A 193 -7.01 -4.81 12.30
CA LEU A 193 -6.20 -4.51 13.48
C LEU A 193 -5.04 -5.49 13.51
N LEU A 194 -3.85 -4.97 13.80
CA LEU A 194 -2.67 -5.83 13.94
C LEU A 194 -2.83 -6.72 15.17
N LYS A 195 -2.50 -8.00 15.06
CA LYS A 195 -2.52 -8.93 16.22
C LYS A 195 -1.39 -9.96 16.06
N ASP A 196 -1.11 -10.75 17.11
CA ASP A 196 0.01 -11.70 17.11
C ASP A 196 -0.44 -13.15 16.85
N THR A 197 -1.75 -13.36 16.80
CA THR A 197 -2.33 -14.67 16.50
C THR A 197 -2.60 -14.79 15.00
N VAL A 198 -2.98 -15.98 14.55
CA VAL A 198 -3.12 -16.31 13.13
C VAL A 198 -4.33 -15.60 12.51
N TYR A 199 -4.20 -15.13 11.26
CA TYR A 199 -5.36 -14.67 10.46
C TYR A 199 -5.81 -15.84 9.61
N THR A 200 -7.12 -15.97 9.47
CA THR A 200 -7.67 -17.05 8.65
C THR A 200 -8.62 -16.48 7.60
N ASP A 201 -8.66 -15.16 7.49
CA ASP A 201 -9.41 -14.47 6.45
C ASP A 201 -8.43 -13.63 5.64
N PHE A 202 -8.75 -13.43 4.37
CA PHE A 202 -7.94 -12.57 3.52
C PHE A 202 -8.75 -12.15 2.31
N ASP A 203 -8.75 -10.86 2.04
CA ASP A 203 -9.40 -10.36 0.84
C ASP A 203 -8.52 -9.31 0.14
N GLY A 204 -7.20 -9.45 0.23
CA GLY A 204 -6.29 -8.55 -0.49
C GLY A 204 -6.03 -9.09 -1.89
N THR A 205 -4.88 -8.78 -2.48
CA THR A 205 -4.59 -9.23 -3.85
C THR A 205 -3.85 -10.57 -3.87
N ARG A 206 -4.41 -11.56 -4.57
CA ARG A 206 -3.88 -12.93 -4.48
C ARG A 206 -2.42 -13.12 -4.92
N VAL A 207 -2.01 -12.50 -6.02
CA VAL A 207 -0.63 -12.64 -6.54
C VAL A 207 0.43 -12.01 -5.62
N TYR A 208 0.00 -11.24 -4.61
CA TYR A 208 0.91 -10.69 -3.58
C TYR A 208 0.77 -11.44 -2.25
N SER A 209 -0.06 -12.48 -2.23
CA SER A 209 -0.32 -13.22 -0.98
C SER A 209 0.68 -14.38 -0.77
N PRO A 210 0.97 -14.74 0.49
CA PRO A 210 2.05 -15.67 0.74
C PRO A 210 1.67 -17.14 0.52
N PRO A 211 2.68 -18.03 0.39
CA PRO A 211 2.40 -19.46 0.15
C PRO A 211 1.56 -20.11 1.26
N GLU A 212 1.78 -19.69 2.51
CA GLU A 212 1.01 -20.20 3.65
C GLU A 212 -0.49 -19.84 3.54
N TRP A 213 -0.82 -18.71 2.93
CA TRP A 213 -2.23 -18.41 2.68
C TRP A 213 -2.76 -19.30 1.59
N ILE A 214 -2.01 -19.42 0.49
CA ILE A 214 -2.42 -20.27 -0.63
C ILE A 214 -2.66 -21.72 -0.16
N ARG A 215 -1.70 -22.30 0.55
CA ARG A 215 -1.77 -23.70 0.99
C ARG A 215 -2.70 -23.98 2.16
N TYR A 216 -2.70 -23.10 3.17
CA TYR A 216 -3.31 -23.43 4.45
C TYR A 216 -4.41 -22.50 4.88
N HIS A 217 -4.59 -21.38 4.17
CA HIS A 217 -5.55 -20.36 4.58
C HIS A 217 -5.25 -19.81 5.97
N ARG A 218 -3.96 -19.68 6.26
CA ARG A 218 -3.49 -19.18 7.56
C ARG A 218 -2.22 -18.36 7.33
N TYR A 219 -2.12 -17.22 8.02
CA TYR A 219 -0.89 -16.42 7.99
C TYR A 219 -0.80 -15.55 9.25
N HIS A 220 0.40 -15.08 9.56
CA HIS A 220 0.58 -14.05 10.59
C HIS A 220 0.85 -12.72 9.92
N GLY A 221 0.51 -11.64 10.60
CA GLY A 221 0.53 -10.28 10.00
C GLY A 221 1.85 -9.80 9.39
N ARG A 222 2.87 -9.70 10.22
CA ARG A 222 4.13 -9.11 9.80
C ARG A 222 4.84 -9.94 8.74
N SER A 223 4.87 -11.25 8.92
CA SER A 223 5.58 -12.09 7.96
C SER A 223 4.87 -12.15 6.59
N ALA A 224 3.54 -12.09 6.58
CA ALA A 224 2.79 -11.97 5.31
C ALA A 224 3.08 -10.61 4.67
N ALA A 225 3.19 -9.57 5.49
CA ALA A 225 3.51 -8.23 4.96
C ALA A 225 4.88 -8.23 4.27
N VAL A 226 5.86 -8.91 4.88
CA VAL A 226 7.22 -8.97 4.33
C VAL A 226 7.24 -9.71 2.96
N TRP A 227 6.47 -10.78 2.85
CA TRP A 227 6.30 -11.45 1.56
C TRP A 227 5.78 -10.49 0.49
N SER A 228 4.70 -9.77 0.76
CA SER A 228 4.16 -8.82 -0.23
C SER A 228 5.18 -7.73 -0.59
N LEU A 229 6.00 -7.34 0.38
CA LEU A 229 7.09 -6.38 0.14
C LEU A 229 8.17 -6.93 -0.82
N GLY A 230 8.50 -8.21 -0.69
CA GLY A 230 9.36 -8.91 -1.68
C GLY A 230 8.79 -8.93 -3.10
N ILE A 231 7.48 -9.17 -3.21
CA ILE A 231 6.76 -9.13 -4.51
C ILE A 231 6.87 -7.71 -5.10
N LEU A 232 6.65 -6.70 -4.25
CA LEU A 232 6.69 -5.31 -4.66
C LEU A 232 8.09 -4.88 -5.13
N LEU A 233 9.12 -5.29 -4.40
CA LEU A 233 10.48 -4.92 -4.75
C LEU A 233 10.87 -5.56 -6.08
N TYR A 234 10.55 -6.84 -6.27
CA TYR A 234 10.76 -7.51 -7.57
C TYR A 234 10.06 -6.71 -8.68
N ASP A 235 8.81 -6.31 -8.43
CA ASP A 235 8.04 -5.53 -9.38
C ASP A 235 8.74 -4.23 -9.79
N MET A 236 9.32 -3.53 -8.81
CA MET A 236 9.99 -2.27 -9.08
C MET A 236 11.21 -2.48 -9.97
N VAL A 237 12.01 -3.51 -9.68
CA VAL A 237 13.31 -3.65 -10.35
C VAL A 237 13.24 -4.50 -11.62
N CYS A 238 12.12 -5.21 -11.80
CA CYS A 238 11.94 -6.03 -13.01
C CYS A 238 10.82 -5.54 -13.91
N GLY A 239 9.96 -4.66 -13.39
CA GLY A 239 8.88 -4.09 -14.21
C GLY A 239 7.63 -4.97 -14.28
N ASP A 240 7.65 -6.10 -13.57
CA ASP A 240 6.49 -6.99 -13.45
C ASP A 240 6.63 -7.89 -12.21
N ILE A 241 5.53 -8.50 -11.80
CA ILE A 241 5.48 -9.35 -10.62
C ILE A 241 6.07 -10.73 -10.95
N PRO A 242 6.58 -11.44 -9.93
CA PRO A 242 7.35 -12.63 -10.27
C PRO A 242 6.46 -13.87 -10.45
N PHE A 243 5.28 -13.88 -9.83
CA PHE A 243 4.42 -15.06 -9.88
C PHE A 243 3.03 -14.71 -10.38
N GLU A 244 2.47 -15.56 -11.22
CA GLU A 244 1.10 -15.38 -11.71
C GLU A 244 0.18 -16.45 -11.12
N HIS A 245 0.64 -17.69 -11.06
CA HIS A 245 -0.22 -18.82 -10.64
C HIS A 245 0.05 -19.29 -9.25
N ASP A 246 -0.96 -19.90 -8.63
CA ASP A 246 -0.84 -20.48 -7.29
C ASP A 246 0.40 -21.40 -7.16
N GLU A 247 0.62 -22.23 -8.18
CA GLU A 247 1.74 -23.16 -8.22
C GLU A 247 3.10 -22.46 -8.19
N GLU A 248 3.18 -21.30 -8.83
CA GLU A 248 4.43 -20.53 -8.81
C GLU A 248 4.69 -19.93 -7.43
N ILE A 249 3.63 -19.46 -6.77
CA ILE A 249 3.75 -18.90 -5.39
C ILE A 249 4.26 -19.97 -4.42
N ILE A 250 3.69 -21.16 -4.52
CA ILE A 250 4.01 -22.29 -3.64
C ILE A 250 5.42 -22.80 -3.87
N ARG A 251 5.85 -22.88 -5.14
CA ARG A 251 7.23 -23.24 -5.46
C ARG A 251 8.22 -22.16 -4.97
N GLY A 252 7.84 -20.89 -5.10
CA GLY A 252 8.66 -19.76 -4.61
C GLY A 252 10.02 -19.60 -5.26
N GLN A 253 10.18 -20.11 -6.48
CA GLN A 253 11.47 -20.02 -7.17
C GLN A 253 11.49 -18.72 -7.96
N VAL A 254 12.44 -17.86 -7.63
CA VAL A 254 12.50 -16.53 -8.23
C VAL A 254 13.42 -16.54 -9.46
N PHE A 255 12.92 -16.07 -10.60
CA PHE A 255 13.78 -15.88 -11.79
C PHE A 255 13.85 -14.39 -12.18
N PHE A 256 15.06 -13.87 -12.36
CA PHE A 256 15.22 -12.48 -12.77
C PHE A 256 15.32 -12.32 -14.28
N ARG A 257 14.40 -11.54 -14.83
CA ARG A 257 14.26 -11.29 -16.27
C ARG A 257 15.01 -10.02 -16.71
N GLN A 258 15.44 -9.22 -15.73
CA GLN A 258 16.23 -8.02 -15.99
C GLN A 258 17.52 -8.16 -15.19
N ARG A 259 18.48 -7.30 -15.50
CA ARG A 259 19.72 -7.28 -14.78
C ARG A 259 19.49 -6.63 -13.43
N VAL A 260 19.73 -7.35 -12.34
CA VAL A 260 19.51 -6.87 -10.99
C VAL A 260 20.74 -7.25 -10.18
N SER A 261 21.25 -6.31 -9.38
CA SER A 261 22.44 -6.51 -8.56
C SER A 261 22.28 -7.69 -7.61
N SEP A 262 23.41 -8.33 -7.31
CA SEP A 262 23.45 -9.49 -6.40
CB SEP A 262 24.89 -9.99 -6.26
OG SEP A 262 25.44 -10.28 -7.56
C SEP A 262 22.84 -9.16 -5.04
O SEP A 262 22.17 -10.00 -4.43
P SEP A 262 26.55 -9.33 -8.34
O1P SEP A 262 25.84 -8.00 -8.66
O2P SEP A 262 27.71 -9.16 -7.36
O3P SEP A 262 26.92 -10.17 -9.57
N GLU A 263 23.05 -7.93 -4.57
CA GLU A 263 22.54 -7.56 -3.24
C GLU A 263 21.04 -7.38 -3.25
N CYS A 264 20.52 -6.76 -4.30
CA CYS A 264 19.08 -6.64 -4.47
C CYS A 264 18.43 -8.00 -4.64
N GLN A 265 19.02 -8.87 -5.45
CA GLN A 265 18.51 -10.25 -5.62
C GLN A 265 18.42 -10.99 -4.28
N HIS A 266 19.46 -10.81 -3.45
CA HIS A 266 19.53 -11.46 -2.15
C HIS A 266 18.40 -10.99 -1.26
N LEU A 267 18.20 -9.66 -1.18
CA LEU A 267 17.10 -9.13 -0.36
C LEU A 267 15.72 -9.65 -0.81
N ILE A 268 15.50 -9.68 -2.12
CA ILE A 268 14.22 -10.15 -2.66
C ILE A 268 14.00 -11.62 -2.27
N ARG A 269 15.02 -12.44 -2.47
CA ARG A 269 14.88 -13.87 -2.20
C ARG A 269 14.66 -14.14 -0.71
N TRP A 270 15.25 -13.30 0.14
CA TRP A 270 15.05 -13.39 1.58
C TRP A 270 13.64 -13.03 1.98
N CYS A 271 13.10 -11.91 1.46
CA CYS A 271 11.68 -11.55 1.68
C CYS A 271 10.69 -12.63 1.22
N LEU A 272 11.07 -13.34 0.14
CA LEU A 272 10.27 -14.42 -0.44
C LEU A 272 10.61 -15.86 0.04
N ALA A 273 11.18 -15.98 1.25
CA ALA A 273 11.42 -17.31 1.83
C ALA A 273 10.10 -18.02 2.01
N LEU A 274 10.07 -19.30 1.67
CA LEU A 274 8.86 -20.11 1.77
C LEU A 274 8.38 -20.20 3.23
N ARG A 275 9.30 -20.40 4.16
CA ARG A 275 8.90 -20.48 5.57
C ARG A 275 8.84 -19.09 6.16
N PRO A 276 7.69 -18.71 6.75
CA PRO A 276 7.53 -17.34 7.26
C PRO A 276 8.66 -16.88 8.21
N SER A 277 9.14 -17.80 9.05
CA SER A 277 10.21 -17.50 10.01
C SER A 277 11.59 -17.39 9.37
N ASP A 278 11.72 -17.77 8.10
CA ASP A 278 12.96 -17.49 7.39
C ASP A 278 12.99 -16.07 6.79
N ARG A 279 11.88 -15.34 6.80
CA ARG A 279 11.83 -13.97 6.22
C ARG A 279 12.49 -12.96 7.16
N PRO A 280 13.09 -11.87 6.62
CA PRO A 280 13.67 -10.84 7.49
C PRO A 280 12.61 -10.05 8.25
N THR A 281 12.99 -9.56 9.43
CA THR A 281 12.18 -8.58 10.16
C THR A 281 12.31 -7.23 9.44
N PHE A 282 11.45 -6.28 9.77
CA PHE A 282 11.57 -4.95 9.16
C PHE A 282 12.93 -4.32 9.45
N GLU A 283 13.42 -4.50 10.67
CA GLU A 283 14.73 -4.01 11.03
C GLU A 283 15.80 -4.64 10.15
N GLU A 284 15.68 -5.93 9.87
CA GLU A 284 16.67 -6.63 9.06
C GLU A 284 16.67 -6.17 7.59
N ILE A 285 15.48 -5.88 7.07
CA ILE A 285 15.36 -5.33 5.71
C ILE A 285 16.10 -3.98 5.60
N GLN A 286 15.82 -3.06 6.52
CA GLN A 286 16.38 -1.72 6.46
C GLN A 286 17.88 -1.66 6.82
N ASN A 287 18.40 -2.69 7.48
CA ASN A 287 19.84 -2.82 7.73
C ASN A 287 20.57 -3.62 6.66
N HIS A 288 19.82 -4.13 5.67
CA HIS A 288 20.44 -4.92 4.62
C HIS A 288 21.36 -4.03 3.79
N PRO A 289 22.48 -4.59 3.27
CA PRO A 289 23.45 -3.85 2.46
C PRO A 289 22.85 -3.11 1.26
N TRP A 290 21.87 -3.70 0.59
CA TRP A 290 21.24 -3.01 -0.54
C TRP A 290 20.49 -1.76 -0.12
N MET A 291 20.10 -1.68 1.16
CA MET A 291 19.29 -0.54 1.63
C MET A 291 20.07 0.66 2.16
N GLN A 292 21.40 0.61 2.08
CA GLN A 292 22.24 1.68 2.60
C GLN A 292 22.27 2.91 1.68
N ASP A 293 22.38 4.10 2.27
CA ASP A 293 22.56 5.36 1.53
C ASP A 293 21.37 5.77 0.66
N VAL A 294 20.18 5.62 1.19
CA VAL A 294 18.96 6.00 0.47
C VAL A 294 18.99 7.50 0.14
N LEU A 295 18.41 7.89 -0.98
CA LEU A 295 18.21 9.30 -1.28
C LEU A 295 17.07 9.84 -0.44
N LEU A 296 17.13 11.12 -0.12
CA LEU A 296 16.00 11.82 0.46
C LEU A 296 14.92 11.98 -0.63
N PRO A 297 13.64 12.14 -0.23
CA PRO A 297 12.57 12.29 -1.21
C PRO A 297 12.81 13.42 -2.21
N GLN A 298 13.24 14.59 -1.70
CA GLN A 298 13.47 15.74 -2.60
C GLN A 298 14.59 15.47 -3.61
N GLU A 299 15.70 14.90 -3.16
CA GLU A 299 16.78 14.48 -4.08
C GLU A 299 16.26 13.49 -5.12
N THR A 300 15.35 12.61 -4.68
CA THR A 300 14.77 11.58 -5.53
C THR A 300 13.92 12.25 -6.61
N ALA A 301 13.16 13.28 -6.25
CA ALA A 301 12.35 13.99 -7.24
C ALA A 301 13.23 14.73 -8.26
N GLU A 302 14.24 15.45 -7.76
CA GLU A 302 15.14 16.21 -8.61
C GLU A 302 15.85 15.35 -9.67
N ILE A 303 16.40 14.22 -9.25
CA ILE A 303 17.15 13.33 -10.13
C ILE A 303 16.26 12.50 -11.04
N HIS A 304 15.14 12.01 -10.53
CA HIS A 304 14.40 10.93 -11.21
C HIS A 304 13.04 11.28 -11.71
N LEU A 305 12.46 12.34 -11.17
CA LEU A 305 11.07 12.68 -11.43
C LEU A 305 10.91 13.99 -12.23
N HIS A 306 11.81 14.94 -12.05
CA HIS A 306 11.70 16.23 -12.74
C HIS A 306 12.34 16.19 -14.10
O21 676 B . -8.39 5.08 -8.17
C19 676 B . -7.34 4.47 -8.01
N20 676 B . -6.25 4.69 -8.78
C22 676 B . -6.23 5.60 -9.95
C24 676 B . -5.68 6.96 -9.71
C29 676 B . -4.98 7.30 -8.55
C28 676 B . -4.48 8.60 -8.38
C27 676 B . -4.66 9.57 -9.38
C26 676 B . -5.36 9.24 -10.55
C25 676 B . -5.87 7.94 -10.70
C23 676 B . -5.31 4.91 -10.99
N30 676 B . -5.93 3.70 -11.51
C11 676 B . -7.19 3.48 -6.86
C6 676 B . -8.14 3.76 -5.66
N5 676 B . -7.58 4.82 -4.79
C1 676 B . -7.15 6.11 -5.25
C7 676 B . -8.09 2.45 -4.86
N8 676 B . -8.66 2.65 -3.53
C9 676 B . -8.55 3.74 -2.77
O10 676 B . -8.89 3.78 -1.59
C4 676 B . -8.02 4.97 -3.42
C2 676 B . -7.70 6.24 -3.01
C3 676 B . -7.18 6.94 -4.12
C12 676 B . -6.68 8.35 -4.08
C14 676 B . -6.37 9.06 -5.24
C16 676 B . -5.83 10.36 -5.10
F18 676 B . -5.56 11.08 -6.20
N17 676 B . -5.57 10.90 -3.87
C15 676 B . -5.82 10.19 -2.75
C13 676 B . -6.37 8.92 -2.84
#